data_2QVZ
#
_entry.id   2QVZ
#
_cell.length_a   127.850
_cell.length_b   127.850
_cell.length_c   71.352
_cell.angle_alpha   90.00
_cell.angle_beta   90.00
_cell.angle_gamma   120.00
#
_symmetry.space_group_name_H-M   'P 32 2 1'
#
loop_
_entity.id
_entity.type
_entity.pdbx_description
1 polymer '4-Chlorobenzoate CoA Ligase/Synthetase'
2 non-polymer 3-chlorobenzoate
3 water water
#
_entity_poly.entity_id   1
_entity_poly.type   'polypeptide(L)'
_entity_poly.pdbx_seq_one_letter_code
;MQTVNEMLRRAATRAPDHCALAVPARGLRLTHAELRARVEAVAARLHADGLRPQQRVAVVAPNSADVVIAILALHRLGAV
PALLNPRLKSAELAELIKRGEMTAAVIAVGRQVADAIFQSGSGARIIFLGDLVRDGEPYSYGPPIEDPQREPAQPAFIFY
TSGTTGLPKAAIIPQRAAESRVLFMSTQVGLRHGRHNVVLGLMPLYHVVGFFAVLVAALALDGTYVVVEEFRPVDALQLV
QQEQVTSLFATPTHLDALAAAAAHAGSSLKLDSLRHVTFAGATMPDAVLETVHQHLPGEKVNAYGTTEAMNSLYMRQPKT
GTEMAPGFFSEVRIVRIGGGVDEIVANGEEGELIVAASDSAFVGYLNQPQATAEKLQDGWYRTSDVAVWTPEGTVRILGR
VDDMIISGGENIHPSEIERVLGTAPGVTEVVVIGLADQRWGQSVTACVVPRLGETLSADALDTFCRSSELADFKRPKRYF
ILDQLPKNALNKVLRRQLVQQVSS
;
_entity_poly.pdbx_strand_id   X
#
loop_
_chem_comp.id
_chem_comp.type
_chem_comp.name
_chem_comp.formula
3BZ non-polymer 3-chlorobenzoate 'C7 H5 Cl O2'
#
# COMPACT_ATOMS: atom_id res chain seq x y z
N MET A 1 21.02 -14.52 3.44
CA MET A 1 19.60 -14.00 3.37
C MET A 1 18.58 -15.04 3.88
N GLN A 2 17.37 -14.58 4.14
CA GLN A 2 16.25 -15.44 4.54
C GLN A 2 15.03 -15.05 3.69
N THR A 3 14.67 -15.89 2.72
CA THR A 3 13.66 -15.59 1.71
C THR A 3 12.25 -15.77 2.23
N VAL A 4 11.23 -15.35 1.45
CA VAL A 4 9.86 -15.56 1.90
C VAL A 4 9.71 -17.06 2.15
N ASN A 5 9.96 -17.87 1.12
CA ASN A 5 9.85 -19.31 1.29
C ASN A 5 10.53 -19.85 2.52
N GLU A 6 11.80 -19.47 2.73
CA GLU A 6 12.51 -19.91 3.95
C GLU A 6 11.85 -19.41 5.25
N MET A 7 11.45 -18.14 5.27
CA MET A 7 10.76 -17.65 6.47
C MET A 7 9.54 -18.53 6.79
N LEU A 8 8.78 -18.92 5.75
CA LEU A 8 7.53 -19.64 5.96
C LEU A 8 7.77 -21.10 6.24
N ARG A 9 8.81 -21.64 5.59
CA ARG A 9 9.22 -23.01 5.81
C ARG A 9 9.70 -23.17 7.24
N ARG A 10 10.56 -22.26 7.71
CA ARG A 10 11.13 -22.40 9.08
C ARG A 10 10.02 -22.32 10.11
N ALA A 11 9.07 -21.42 9.88
CA ALA A 11 7.91 -21.22 10.72
C ALA A 11 7.11 -22.52 10.83
N ALA A 12 6.83 -23.16 9.69
CA ALA A 12 6.16 -24.46 9.66
C ALA A 12 6.83 -25.54 10.52
N THR A 13 8.15 -25.52 10.64
CA THR A 13 8.83 -26.51 11.46
C THR A 13 8.71 -26.14 12.94
N ARG A 14 8.61 -24.85 13.22
CA ARG A 14 8.48 -24.44 14.60
C ARG A 14 7.04 -24.59 15.10
N ALA A 15 6.04 -24.45 14.22
CA ALA A 15 4.67 -24.39 14.68
C ALA A 15 3.69 -25.12 13.75
N PRO A 16 4.00 -26.39 13.44
CA PRO A 16 3.33 -27.11 12.38
C PRO A 16 1.81 -27.19 12.58
N ASP A 17 1.38 -27.28 13.84
CA ASP A 17 -0.02 -27.50 14.19
C ASP A 17 -0.71 -26.24 14.72
N HIS A 18 -0.03 -25.12 14.67
CA HIS A 18 -0.66 -23.88 15.05
C HIS A 18 -1.45 -23.35 13.85
N CYS A 19 -2.59 -22.67 14.08
CA CYS A 19 -3.37 -22.06 12.96
C CYS A 19 -2.61 -20.97 12.21
N ALA A 20 -2.43 -21.21 10.90
CA ALA A 20 -1.78 -20.29 9.99
C ALA A 20 -2.79 -19.37 9.31
N LEU A 21 -3.80 -19.98 8.70
CA LEU A 21 -4.83 -19.23 7.97
C LEU A 21 -6.20 -19.43 8.58
N ALA A 22 -6.86 -18.33 8.94
CA ALA A 22 -8.25 -18.36 9.41
C ALA A 22 -9.16 -17.54 8.49
N VAL A 23 -10.22 -18.18 8.00
CA VAL A 23 -11.26 -17.51 7.26
C VAL A 23 -12.57 -17.76 8.02
N PRO A 24 -12.84 -16.94 9.06
CA PRO A 24 -13.97 -17.14 10.01
C PRO A 24 -15.33 -17.25 9.33
N ALA A 25 -15.51 -16.52 8.24
CA ALA A 25 -16.73 -16.60 7.44
C ALA A 25 -16.90 -18.00 6.84
N ARG A 26 -15.87 -18.49 6.17
CA ARG A 26 -15.99 -19.74 5.41
C ARG A 26 -15.82 -20.98 6.26
N GLY A 27 -15.68 -20.76 7.57
CA GLY A 27 -15.43 -21.83 8.51
C GLY A 27 -14.10 -22.50 8.22
N LEU A 28 -13.18 -21.77 7.62
CA LEU A 28 -11.92 -22.34 7.16
C LEU A 28 -10.70 -22.01 8.06
N ARG A 29 -10.15 -23.02 8.73
CA ARG A 29 -8.84 -22.89 9.39
C ARG A 29 -7.82 -23.87 8.80
N LEU A 30 -6.58 -23.40 8.68
CA LEU A 30 -5.49 -24.20 8.17
C LEU A 30 -4.29 -23.98 9.08
N THR A 31 -3.69 -25.07 9.56
CA THR A 31 -2.46 -24.96 10.36
C THR A 31 -1.30 -24.57 9.45
N HIS A 32 -0.15 -24.28 10.06
CA HIS A 32 1.11 -24.06 9.33
C HIS A 32 1.53 -25.24 8.45
N ALA A 33 1.59 -26.45 9.02
CA ALA A 33 1.88 -27.68 8.26
C ALA A 33 0.87 -27.94 7.13
N GLU A 34 -0.41 -27.64 7.37
CA GLU A 34 -1.42 -27.87 6.35
C GLU A 34 -1.30 -26.84 5.25
N LEU A 35 -0.92 -25.61 5.60
CA LEU A 35 -0.71 -24.56 4.60
C LEU A 35 0.48 -24.90 3.70
N ARG A 36 1.58 -25.35 4.33
CA ARG A 36 2.72 -25.89 3.59
C ARG A 36 2.34 -26.99 2.58
N ALA A 37 1.57 -28.00 3.02
CA ALA A 37 1.21 -29.12 2.13
C ALA A 37 0.47 -28.67 0.87
N ARG A 38 -0.44 -27.72 1.03
CA ARG A 38 -1.13 -27.11 -0.12
C ARG A 38 -0.19 -26.28 -0.99
N VAL A 39 0.69 -25.51 -0.37
CA VAL A 39 1.69 -24.75 -1.14
C VAL A 39 2.56 -25.71 -1.96
N GLU A 40 2.98 -26.81 -1.34
CA GLU A 40 3.74 -27.85 -2.04
C GLU A 40 2.97 -28.46 -3.22
N ALA A 41 1.68 -28.73 -3.03
CA ALA A 41 0.86 -29.44 -4.05
C ALA A 41 0.48 -28.57 -5.24
N VAL A 42 0.09 -27.32 -4.98
CA VAL A 42 -0.18 -26.39 -6.06
C VAL A 42 1.14 -26.09 -6.80
N ALA A 43 2.25 -25.98 -6.06
CA ALA A 43 3.58 -25.81 -6.68
C ALA A 43 3.87 -26.92 -7.69
N ALA A 44 3.79 -28.16 -7.22
CA ALA A 44 4.07 -29.33 -8.02
C ALA A 44 3.16 -29.40 -9.26
N ARG A 45 1.88 -29.09 -9.07
CA ARG A 45 0.88 -29.17 -10.12
C ARG A 45 1.10 -28.09 -11.17
N LEU A 46 1.52 -26.91 -10.69
CA LEU A 46 1.89 -25.80 -11.57
C LEU A 46 3.14 -26.15 -12.37
N HIS A 47 4.05 -26.91 -11.74
CA HIS A 47 5.29 -27.36 -12.38
C HIS A 47 5.01 -28.42 -13.43
N ALA A 48 4.14 -29.37 -13.07
CA ALA A 48 3.78 -30.47 -13.96
C ALA A 48 3.15 -29.97 -15.28
N ASP A 49 2.76 -28.69 -15.30
CA ASP A 49 2.20 -28.03 -16.48
C ASP A 49 3.16 -27.07 -17.21
N GLY A 50 4.48 -27.17 -16.86
CA GLY A 50 5.51 -26.40 -17.60
C GLY A 50 5.83 -24.98 -17.15
N LEU A 51 5.66 -24.68 -15.87
CA LEU A 51 6.07 -23.39 -15.32
C LEU A 51 7.44 -23.55 -14.66
N ARG A 52 8.40 -22.73 -15.10
CA ARG A 52 9.78 -22.81 -14.61
C ARG A 52 10.10 -21.63 -13.69
N PRO A 53 11.14 -21.77 -12.84
CA PRO A 53 11.65 -20.66 -12.03
C PRO A 53 11.93 -19.45 -12.88
N GLN A 54 11.83 -18.26 -12.27
CA GLN A 54 12.10 -16.96 -12.93
C GLN A 54 11.11 -16.51 -14.01
N GLN A 55 10.15 -17.36 -14.34
CA GLN A 55 9.07 -16.99 -15.26
C GLN A 55 8.03 -16.18 -14.49
N ARG A 56 7.64 -15.04 -15.05
CA ARG A 56 6.72 -14.14 -14.38
C ARG A 56 5.27 -14.57 -14.57
N VAL A 57 4.56 -14.73 -13.46
CA VAL A 57 3.15 -15.09 -13.48
C VAL A 57 2.34 -13.98 -12.82
N ALA A 58 1.35 -13.48 -13.56
CA ALA A 58 0.46 -12.45 -13.04
C ALA A 58 -0.56 -13.03 -12.06
N VAL A 59 -0.91 -12.26 -11.03
CA VAL A 59 -1.94 -12.68 -10.11
C VAL A 59 -2.94 -11.55 -9.91
N VAL A 60 -4.19 -11.85 -10.22
CA VAL A 60 -5.25 -10.85 -10.23
C VAL A 60 -6.48 -11.44 -9.55
N ALA A 61 -6.62 -11.12 -8.27
CA ALA A 61 -7.67 -11.69 -7.43
C ALA A 61 -7.83 -10.86 -6.15
N PRO A 62 -9.07 -10.77 -5.61
CA PRO A 62 -9.34 -10.19 -4.29
C PRO A 62 -8.72 -11.07 -3.19
N ASN A 63 -8.66 -10.56 -1.96
CA ASN A 63 -8.05 -11.31 -0.84
C ASN A 63 -8.79 -12.62 -0.53
N SER A 64 -8.07 -13.71 -0.36
CA SER A 64 -8.69 -14.97 0.03
C SER A 64 -7.66 -16.00 0.39
N ALA A 65 -8.09 -17.09 1.05
CA ALA A 65 -7.17 -18.17 1.42
C ALA A 65 -6.55 -18.77 0.17
N ASP A 66 -7.37 -18.88 -0.87
CA ASP A 66 -6.98 -19.55 -2.10
C ASP A 66 -5.87 -18.81 -2.85
N VAL A 67 -5.99 -17.49 -2.90
CA VAL A 67 -4.98 -16.64 -3.53
C VAL A 67 -3.68 -16.59 -2.73
N VAL A 68 -3.77 -16.72 -1.41
CA VAL A 68 -2.57 -16.84 -0.56
C VAL A 68 -1.82 -18.13 -0.91
N ILE A 69 -2.54 -19.26 -0.96
CA ILE A 69 -1.94 -20.54 -1.35
C ILE A 69 -1.27 -20.42 -2.73
N ALA A 70 -2.01 -19.93 -3.72
CA ALA A 70 -1.48 -19.79 -5.07
C ALA A 70 -0.23 -18.88 -5.20
N ILE A 71 -0.24 -17.72 -4.52
CA ILE A 71 0.93 -16.84 -4.51
C ILE A 71 2.14 -17.50 -3.87
N LEU A 72 1.96 -18.09 -2.69
CA LEU A 72 3.07 -18.78 -2.02
C LEU A 72 3.53 -20.00 -2.84
N ALA A 73 2.59 -20.65 -3.51
CA ALA A 73 2.88 -21.78 -4.39
C ALA A 73 3.84 -21.41 -5.53
N LEU A 74 3.47 -20.36 -6.27
CA LEU A 74 4.31 -19.81 -7.34
C LEU A 74 5.73 -19.45 -6.86
N HIS A 75 5.83 -18.86 -5.67
CA HIS A 75 7.13 -18.47 -5.13
C HIS A 75 7.95 -19.71 -4.74
N ARG A 76 7.28 -20.68 -4.11
CA ARG A 76 7.89 -21.97 -3.76
C ARG A 76 8.43 -22.72 -4.99
N LEU A 77 7.69 -22.65 -6.09
CA LEU A 77 8.12 -23.24 -7.37
C LEU A 77 9.38 -22.51 -7.84
N GLY A 78 9.38 -21.19 -7.70
CA GLY A 78 10.48 -20.35 -8.14
C GLY A 78 10.00 -19.26 -9.06
N ALA A 79 8.75 -19.36 -9.53
CA ALA A 79 8.15 -18.35 -10.41
C ALA A 79 8.03 -17.02 -9.68
N VAL A 80 7.98 -15.93 -10.42
CA VAL A 80 7.95 -14.59 -9.85
C VAL A 80 6.54 -14.04 -9.97
N PRO A 81 5.80 -14.03 -8.84
CA PRO A 81 4.45 -13.50 -8.83
C PRO A 81 4.44 -12.00 -9.10
N ALA A 82 3.59 -11.60 -10.05
CA ALA A 82 3.37 -10.20 -10.29
C ALA A 82 1.96 -9.90 -9.86
N LEU A 83 1.83 -9.24 -8.71
CA LEU A 83 0.52 -9.04 -8.07
C LEU A 83 -0.17 -7.75 -8.56
N LEU A 84 -1.41 -7.87 -9.03
CA LEU A 84 -2.06 -6.74 -9.70
C LEU A 84 -3.42 -6.43 -9.07
N ASN A 85 -3.72 -5.14 -8.91
CA ASN A 85 -5.02 -4.72 -8.38
C ASN A 85 -6.21 -5.19 -9.26
N PRO A 86 -7.14 -5.97 -8.68
CA PRO A 86 -8.33 -6.44 -9.42
C PRO A 86 -9.30 -5.31 -9.80
N ARG A 87 -9.18 -4.16 -9.17
CA ARG A 87 -9.96 -2.97 -9.53
C ARG A 87 -9.55 -2.36 -10.87
N LEU A 88 -8.39 -2.73 -11.40
CA LEU A 88 -7.91 -2.14 -12.67
C LEU A 88 -8.83 -2.44 -13.85
N LYS A 89 -8.78 -1.59 -14.88
CA LYS A 89 -9.56 -1.85 -16.09
C LYS A 89 -9.04 -3.11 -16.74
N SER A 90 -9.95 -3.93 -17.25
CA SER A 90 -9.59 -5.08 -18.08
C SER A 90 -8.49 -4.72 -19.09
N ALA A 91 -8.70 -3.66 -19.85
CA ALA A 91 -7.70 -3.15 -20.79
C ALA A 91 -6.32 -2.92 -20.13
N GLU A 92 -6.30 -2.24 -18.97
CA GLU A 92 -5.04 -1.97 -18.23
C GLU A 92 -4.32 -3.24 -17.81
N LEU A 93 -5.09 -4.22 -17.32
CA LEU A 93 -4.51 -5.48 -16.81
C LEU A 93 -3.93 -6.27 -17.95
N ALA A 94 -4.61 -6.25 -19.10
CA ALA A 94 -4.15 -6.98 -20.26
C ALA A 94 -2.88 -6.33 -20.76
N GLU A 95 -2.88 -5.00 -20.77
CA GLU A 95 -1.71 -4.27 -21.23
C GLU A 95 -0.53 -4.48 -20.30
N LEU A 96 -0.76 -4.42 -18.99
CA LEU A 96 0.34 -4.62 -18.04
C LEU A 96 0.95 -6.03 -18.15
N ILE A 97 0.10 -7.05 -18.23
CA ILE A 97 0.55 -8.43 -18.46
C ILE A 97 1.32 -8.58 -19.81
N LYS A 98 0.92 -7.81 -20.83
CA LYS A 98 1.63 -7.79 -22.11
C LYS A 98 3.07 -7.22 -21.99
N ARG A 99 3.22 -6.00 -21.48
CA ARG A 99 4.54 -5.39 -21.23
C ARG A 99 5.45 -6.28 -20.37
N GLY A 100 4.85 -6.94 -19.39
CA GLY A 100 5.61 -7.78 -18.45
C GLY A 100 6.09 -9.11 -19.00
N GLU A 101 5.82 -9.38 -20.28
CA GLU A 101 6.13 -10.67 -20.89
C GLU A 101 5.87 -11.85 -19.93
N MET A 102 4.79 -11.73 -19.14
CA MET A 102 4.30 -12.75 -18.21
C MET A 102 3.97 -14.10 -18.87
N THR A 103 4.44 -15.20 -18.29
CA THR A 103 4.23 -16.55 -18.84
C THR A 103 2.78 -17.06 -18.63
N ALA A 104 2.18 -16.70 -17.49
CA ALA A 104 0.81 -17.10 -17.16
C ALA A 104 0.11 -16.02 -16.34
N ALA A 105 -1.20 -16.14 -16.19
CA ALA A 105 -1.96 -15.18 -15.41
C ALA A 105 -3.02 -15.88 -14.57
N VAL A 106 -2.73 -15.99 -13.27
CA VAL A 106 -3.68 -16.57 -12.30
C VAL A 106 -4.77 -15.53 -12.00
N ILE A 107 -5.97 -15.75 -12.51
CA ILE A 107 -7.08 -14.81 -12.32
C ILE A 107 -8.28 -15.38 -11.59
N ALA A 108 -8.98 -14.53 -10.85
CA ALA A 108 -10.28 -14.86 -10.28
C ALA A 108 -11.16 -13.63 -10.37
N VAL A 109 -11.13 -13.00 -11.54
CA VAL A 109 -12.07 -11.96 -11.93
C VAL A 109 -13.04 -12.55 -12.94
N GLN A 112 -14.34 -12.54 -18.83
CA GLN A 112 -14.56 -11.07 -18.93
C GLN A 112 -13.24 -10.27 -18.92
N VAL A 113 -12.47 -10.38 -17.83
CA VAL A 113 -11.07 -9.98 -17.79
C VAL A 113 -10.19 -11.03 -18.48
N ALA A 114 -10.61 -12.29 -18.39
CA ALA A 114 -10.03 -13.37 -19.21
C ALA A 114 -10.19 -13.11 -20.72
N ASP A 115 -11.35 -12.57 -21.12
CA ASP A 115 -11.56 -12.16 -22.51
C ASP A 115 -10.45 -11.23 -22.99
N ALA A 116 -10.24 -10.15 -22.24
CA ALA A 116 -9.29 -9.09 -22.61
C ALA A 116 -7.87 -9.62 -22.85
N ILE A 117 -7.45 -10.56 -22.02
CA ILE A 117 -6.08 -11.07 -22.04
C ILE A 117 -5.73 -11.83 -23.33
N PHE A 118 -6.63 -12.72 -23.78
CA PHE A 118 -6.41 -13.43 -25.04
C PHE A 118 -6.31 -12.42 -26.17
N GLN A 119 -7.18 -11.42 -26.13
CA GLN A 119 -7.34 -10.47 -27.22
C GLN A 119 -6.36 -9.31 -27.16
N SER A 120 -5.36 -9.43 -26.28
CA SER A 120 -4.32 -8.40 -26.15
C SER A 120 -3.08 -8.79 -26.95
N GLY A 121 -3.02 -10.05 -27.36
CA GLY A 121 -1.86 -10.54 -28.08
C GLY A 121 -1.00 -11.36 -27.14
N SER A 122 -0.67 -10.77 -26.01
CA SER A 122 0.03 -11.50 -24.94
C SER A 122 -0.43 -12.96 -24.90
N GLY A 123 0.50 -13.87 -25.17
CA GLY A 123 0.19 -15.30 -25.12
C GLY A 123 0.38 -15.88 -23.72
N ALA A 124 -0.21 -15.21 -22.71
CA ALA A 124 -0.16 -15.66 -21.32
C ALA A 124 -1.24 -16.70 -21.00
N ARG A 125 -0.82 -17.87 -20.51
CA ARG A 125 -1.77 -18.94 -20.18
C ARG A 125 -2.74 -18.46 -19.08
N ILE A 126 -4.03 -18.43 -19.39
CA ILE A 126 -5.06 -18.01 -18.43
C ILE A 126 -5.39 -19.14 -17.47
N ILE A 127 -4.97 -18.96 -16.22
CA ILE A 127 -5.28 -19.90 -15.18
C ILE A 127 -6.38 -19.33 -14.28
N PHE A 128 -7.49 -20.05 -14.20
CA PHE A 128 -8.54 -19.68 -13.27
C PHE A 128 -8.17 -20.20 -11.89
N LEU A 129 -8.27 -19.33 -10.89
CA LEU A 129 -7.82 -19.66 -9.52
C LEU A 129 -8.58 -20.84 -8.92
N GLY A 130 -9.86 -20.96 -9.25
CA GLY A 130 -10.69 -22.05 -8.75
C GLY A 130 -10.30 -23.43 -9.28
N ASP A 131 -9.45 -23.46 -10.31
CA ASP A 131 -8.97 -24.73 -10.88
C ASP A 131 -7.61 -25.12 -10.31
N LEU A 132 -7.03 -24.29 -9.43
CA LEU A 132 -5.78 -24.62 -8.77
C LEU A 132 -6.06 -25.08 -7.34
N VAL A 133 -6.85 -24.26 -6.64
CA VAL A 133 -7.22 -24.48 -5.26
C VAL A 133 -8.58 -23.83 -5.00
N ARG A 134 -9.45 -24.56 -4.32
CA ARG A 134 -10.77 -24.06 -3.98
C ARG A 134 -11.00 -24.24 -2.49
N ASP A 135 -11.40 -23.17 -1.80
CA ASP A 135 -11.64 -23.19 -0.34
C ASP A 135 -10.53 -23.95 0.41
N GLY A 136 -9.29 -23.74 -0.03
CA GLY A 136 -8.13 -24.27 0.65
C GLY A 136 -7.75 -25.69 0.29
N GLU A 137 -8.60 -26.39 -0.46
CA GLU A 137 -8.24 -27.73 -0.94
C GLU A 137 -7.92 -27.77 -2.43
N PRO A 138 -6.67 -28.13 -2.76
CA PRO A 138 -6.15 -28.04 -4.12
C PRO A 138 -6.50 -29.26 -4.97
N TYR A 139 -6.34 -29.14 -6.28
CA TYR A 139 -6.34 -30.28 -7.18
C TYR A 139 -4.89 -30.72 -7.30
N SER A 140 -4.58 -31.94 -6.87
CA SER A 140 -3.19 -32.39 -6.87
C SER A 140 -2.86 -33.26 -8.06
N TYR A 141 -1.64 -33.10 -8.59
CA TYR A 141 -1.00 -34.07 -9.48
C TYR A 141 0.44 -33.69 -9.83
N GLY A 142 1.21 -34.68 -10.29
CA GLY A 142 2.62 -34.50 -10.64
C GLY A 142 3.58 -34.98 -9.56
N PRO A 143 4.83 -35.30 -9.94
CA PRO A 143 5.83 -35.68 -8.92
C PRO A 143 6.26 -34.47 -8.07
N PRO A 144 6.43 -34.67 -6.75
CA PRO A 144 6.95 -33.62 -5.83
C PRO A 144 8.17 -32.90 -6.43
N ILE A 145 8.37 -31.62 -6.11
CA ILE A 145 9.36 -30.83 -6.86
C ILE A 145 10.50 -30.29 -6.03
N GLU A 146 11.61 -30.06 -6.71
CA GLU A 146 12.81 -29.46 -6.11
C GLU A 146 12.57 -28.00 -5.67
N ASP A 147 13.31 -27.58 -4.65
CA ASP A 147 13.35 -26.20 -4.21
C ASP A 147 14.48 -25.49 -4.96
N PRO A 148 14.14 -24.55 -5.89
CA PRO A 148 15.16 -23.88 -6.72
C PRO A 148 16.15 -23.05 -5.90
N GLN A 149 17.35 -22.84 -6.43
CA GLN A 149 18.35 -22.00 -5.80
C GLN A 149 17.89 -20.55 -5.96
N ARG A 150 17.92 -19.80 -4.86
CA ARG A 150 17.55 -18.38 -4.86
C ARG A 150 18.75 -17.49 -4.52
N GLU A 151 18.95 -16.44 -5.31
CA GLU A 151 20.05 -15.47 -5.15
C GLU A 151 19.57 -14.10 -4.58
N PRO A 152 20.37 -13.48 -3.70
CA PRO A 152 20.05 -12.17 -3.07
C PRO A 152 19.50 -11.09 -4.02
N ALA A 153 20.14 -10.85 -5.16
CA ALA A 153 19.64 -9.85 -6.13
C ALA A 153 18.58 -10.38 -7.08
N GLN A 154 18.36 -11.69 -7.10
CA GLN A 154 17.42 -12.31 -8.05
C GLN A 154 16.00 -11.78 -7.82
N PRO A 155 15.23 -11.54 -8.90
CA PRO A 155 13.80 -11.22 -8.79
C PRO A 155 13.01 -12.24 -7.97
N ALA A 156 12.05 -11.77 -7.18
CA ALA A 156 11.25 -12.65 -6.34
C ALA A 156 9.75 -12.34 -6.51
N PHE A 157 9.38 -11.06 -6.47
CA PHE A 157 7.98 -10.63 -6.59
C PHE A 157 7.97 -9.33 -7.34
N ILE A 158 6.86 -9.03 -8.01
CA ILE A 158 6.67 -7.78 -8.72
C ILE A 158 5.45 -7.11 -8.14
N PHE A 159 5.59 -5.85 -7.74
CA PHE A 159 4.46 -5.06 -7.25
C PHE A 159 4.29 -3.79 -8.07
N TYR A 160 3.06 -3.30 -8.18
CA TYR A 160 2.77 -2.13 -9.02
C TYR A 160 2.47 -0.84 -8.26
N THR A 161 2.81 0.29 -8.88
CA THR A 161 2.78 1.59 -8.23
C THR A 161 1.54 2.48 -8.49
N SER A 162 1.70 3.78 -8.21
CA SER A 162 0.67 4.86 -8.35
C SER A 162 -0.51 4.57 -9.29
N GLY A 166 0.75 8.06 -16.05
CA GLY A 166 0.95 6.90 -16.92
C GLY A 166 0.39 5.61 -16.34
N LEU A 167 0.66 4.49 -17.01
CA LEU A 167 0.27 3.17 -16.49
C LEU A 167 1.16 2.77 -15.33
N PRO A 168 0.57 2.17 -14.26
CA PRO A 168 1.31 1.58 -13.15
C PRO A 168 2.58 0.86 -13.61
N LYS A 169 3.70 1.13 -12.92
CA LYS A 169 4.99 0.50 -13.24
C LYS A 169 5.24 -0.71 -12.35
N ALA A 170 5.99 -1.68 -12.88
CA ALA A 170 6.22 -2.97 -12.26
C ALA A 170 7.56 -2.97 -11.52
N ALA A 171 7.48 -2.85 -10.20
CA ALA A 171 8.66 -2.72 -9.34
C ALA A 171 9.13 -4.11 -8.97
N ILE A 172 10.39 -4.41 -9.27
CA ILE A 172 10.92 -5.76 -9.05
C ILE A 172 11.56 -5.87 -7.67
N ILE A 173 11.01 -6.77 -6.85
CA ILE A 173 11.43 -6.93 -5.46
C ILE A 173 12.32 -8.17 -5.40
N PRO A 174 13.62 -7.97 -5.08
CA PRO A 174 14.60 -9.05 -5.09
C PRO A 174 14.44 -9.96 -3.87
N GLN A 175 15.02 -11.17 -3.96
CA GLN A 175 14.92 -12.13 -2.89
C GLN A 175 15.33 -11.55 -1.52
N ARG A 176 16.36 -10.71 -1.50
CA ARG A 176 16.95 -10.25 -0.22
C ARG A 176 16.15 -9.16 0.46
N ALA A 177 15.07 -8.72 -0.18
CA ALA A 177 14.28 -7.61 0.34
C ALA A 177 13.20 -8.10 1.31
N ALA A 178 12.91 -9.40 1.27
CA ALA A 178 11.82 -9.96 2.06
C ALA A 178 11.99 -9.77 3.56
N GLU A 179 13.22 -9.95 4.06
CA GLU A 179 13.42 -10.04 5.49
C GLU A 179 13.16 -8.71 6.17
N SER A 180 13.80 -7.66 5.67
CA SER A 180 13.64 -6.33 6.21
C SER A 180 12.26 -5.76 5.88
N ARG A 181 11.60 -6.22 4.81
CA ARG A 181 10.21 -5.83 4.53
C ARG A 181 9.23 -6.46 5.54
N VAL A 182 9.69 -7.49 6.25
CA VAL A 182 8.91 -8.15 7.27
C VAL A 182 9.31 -7.59 8.64
N LEU A 183 10.63 -7.55 8.91
CA LEU A 183 11.14 -7.31 10.27
C LEU A 183 10.97 -5.87 10.79
N PHE A 184 10.68 -4.93 9.90
CA PHE A 184 10.36 -3.59 10.35
C PHE A 184 9.06 -3.61 11.16
N MET A 185 8.21 -4.60 10.92
CA MET A 185 6.96 -4.77 11.73
C MET A 185 7.33 -5.10 13.17
N SER A 186 8.51 -5.66 13.33
CA SER A 186 9.01 -5.95 14.63
C SER A 186 9.84 -4.78 15.19
N THR A 187 10.82 -4.27 14.44
CA THR A 187 11.68 -3.16 14.96
C THR A 187 10.93 -1.83 15.12
N GLN A 188 10.11 -1.47 14.13
CA GLN A 188 9.31 -0.23 14.28
C GLN A 188 8.03 -0.43 15.08
N VAL A 189 7.32 -1.49 14.75
CA VAL A 189 5.96 -1.61 15.25
C VAL A 189 5.90 -2.42 16.55
N GLY A 190 6.87 -3.28 16.79
CA GLY A 190 6.95 -3.96 18.09
C GLY A 190 6.31 -5.32 18.09
N LEU A 191 6.03 -5.87 16.90
CA LEU A 191 5.59 -7.27 16.80
C LEU A 191 6.77 -8.10 17.23
N ARG A 192 6.49 -9.24 17.85
CA ARG A 192 7.58 -10.14 18.23
C ARG A 192 7.19 -11.54 17.86
N HIS A 193 8.16 -12.46 17.89
CA HIS A 193 7.88 -13.83 17.47
C HIS A 193 6.91 -14.47 18.45
N GLY A 194 6.00 -15.31 17.94
CA GLY A 194 5.17 -16.09 18.85
C GLY A 194 3.75 -16.36 18.37
N ARG A 195 3.13 -17.38 18.97
CA ARG A 195 1.82 -17.86 18.56
C ARG A 195 0.68 -17.00 19.06
N HIS A 196 0.95 -16.09 19.97
CA HIS A 196 -0.08 -15.12 20.35
C HIS A 196 -0.49 -14.24 19.13
N ASN A 197 0.40 -14.12 18.12
CA ASN A 197 0.21 -13.21 16.96
C ASN A 197 -1.04 -13.56 16.13
N VAL A 198 -2.05 -12.72 16.20
CA VAL A 198 -3.23 -12.87 15.36
C VAL A 198 -3.38 -11.58 14.57
N VAL A 199 -3.18 -11.68 13.25
CA VAL A 199 -3.05 -10.54 12.35
C VAL A 199 -4.22 -10.42 11.39
N LEU A 200 -5.00 -9.35 11.50
CA LEU A 200 -6.20 -9.16 10.65
C LEU A 200 -5.77 -8.68 9.27
N GLY A 201 -6.13 -9.45 8.24
CA GLY A 201 -5.75 -9.14 6.87
C GLY A 201 -6.60 -8.09 6.17
N LEU A 202 -6.66 -6.88 6.71
CA LEU A 202 -7.44 -5.83 6.06
C LEU A 202 -6.81 -5.29 4.79
N MET A 203 -5.49 -5.40 4.67
CA MET A 203 -4.77 -4.77 3.56
C MET A 203 -4.77 -5.67 2.34
N PRO A 204 -5.00 -5.14 1.13
CA PRO A 204 -4.97 -6.02 -0.06
C PRO A 204 -3.60 -6.66 -0.31
N LEU A 205 -3.59 -7.88 -0.85
CA LEU A 205 -2.37 -8.66 -1.05
C LEU A 205 -1.46 -8.17 -2.18
N TYR A 206 -2.01 -7.29 -3.02
CA TYR A 206 -1.28 -6.72 -4.15
C TYR A 206 -0.48 -5.44 -3.73
N HIS A 207 -0.67 -5.00 -2.49
CA HIS A 207 0.12 -3.91 -1.94
C HIS A 207 1.22 -4.54 -1.07
N VAL A 208 2.45 -4.03 -1.17
CA VAL A 208 3.59 -4.59 -0.42
C VAL A 208 3.34 -4.72 1.11
N VAL A 209 2.54 -3.81 1.70
CA VAL A 209 2.21 -3.89 3.12
C VAL A 209 1.33 -5.10 3.35
N GLY A 210 0.27 -5.20 2.56
CA GLY A 210 -0.59 -6.36 2.54
C GLY A 210 0.17 -7.67 2.41
N PHE A 211 1.19 -7.71 1.56
CA PHE A 211 1.91 -8.98 1.38
C PHE A 211 3.02 -9.25 2.44
N PHE A 212 4.02 -8.36 2.53
CA PHE A 212 5.19 -8.58 3.38
C PHE A 212 4.94 -8.26 4.87
N ALA A 213 4.34 -7.09 5.13
CA ALA A 213 4.17 -6.55 6.47
C ALA A 213 2.99 -7.17 7.24
N VAL A 214 2.06 -7.76 6.49
CA VAL A 214 0.85 -8.36 7.07
C VAL A 214 0.82 -9.89 6.86
N LEU A 215 0.65 -10.34 5.61
CA LEU A 215 0.65 -11.78 5.32
C LEU A 215 1.93 -12.48 5.75
N VAL A 216 3.07 -12.12 5.18
CA VAL A 216 4.31 -12.81 5.48
C VAL A 216 4.75 -12.62 6.96
N ALA A 217 4.67 -11.39 7.48
CA ALA A 217 4.96 -11.17 8.91
C ALA A 217 4.13 -12.07 9.81
N ALA A 218 2.83 -12.20 9.54
CA ALA A 218 1.93 -13.02 10.37
C ALA A 218 2.40 -14.44 10.47
N LEU A 219 2.69 -15.05 9.32
CA LEU A 219 3.15 -16.45 9.26
C LEU A 219 4.56 -16.60 9.71
N ALA A 220 5.42 -15.64 9.35
CA ALA A 220 6.86 -15.77 9.64
C ALA A 220 7.14 -15.69 11.12
N LEU A 221 6.22 -15.08 11.87
CA LEU A 221 6.34 -14.96 13.33
C LEU A 221 5.59 -16.08 14.03
N ASP A 222 5.22 -17.11 13.25
CA ASP A 222 4.54 -18.33 13.77
C ASP A 222 3.13 -18.00 14.25
N GLY A 223 2.52 -16.98 13.66
CA GLY A 223 1.17 -16.57 14.07
C GLY A 223 0.14 -16.99 13.07
N THR A 224 -0.99 -16.26 13.07
CA THR A 224 -2.17 -16.55 12.30
C THR A 224 -2.56 -15.33 11.49
N TYR A 225 -2.86 -15.57 10.22
CA TYR A 225 -3.39 -14.57 9.31
C TYR A 225 -4.91 -14.76 9.13
N VAL A 226 -5.67 -13.72 9.47
CA VAL A 226 -7.12 -13.77 9.38
C VAL A 226 -7.50 -13.15 8.05
N VAL A 227 -8.05 -13.99 7.17
CA VAL A 227 -8.46 -13.55 5.86
C VAL A 227 -9.71 -12.64 5.95
N VAL A 228 -9.66 -11.49 5.29
CA VAL A 228 -10.84 -10.65 5.14
C VAL A 228 -11.11 -10.44 3.64
N GLU A 229 -12.16 -11.08 3.13
CA GLU A 229 -12.49 -10.96 1.71
C GLU A 229 -13.18 -9.66 1.35
N GLU A 230 -13.87 -9.05 2.31
CA GLU A 230 -14.48 -7.73 2.14
C GLU A 230 -14.66 -6.98 3.45
N PHE A 231 -14.15 -5.75 3.47
CA PHE A 231 -14.13 -4.90 4.65
C PHE A 231 -15.50 -4.36 5.04
N ARG A 232 -15.94 -4.65 6.26
CA ARG A 232 -17.11 -4.00 6.85
C ARG A 232 -16.76 -3.63 8.28
N PRO A 233 -16.93 -2.34 8.65
CA PRO A 233 -16.34 -1.84 9.90
C PRO A 233 -16.82 -2.55 11.18
N VAL A 234 -18.13 -2.69 11.40
CA VAL A 234 -18.63 -3.51 12.54
C VAL A 234 -18.20 -4.99 12.48
N ASP A 235 -18.30 -5.64 11.31
CA ASP A 235 -17.81 -7.04 11.17
C ASP A 235 -16.31 -7.19 11.50
N ALA A 236 -15.49 -6.24 11.05
CA ALA A 236 -14.07 -6.28 11.33
C ALA A 236 -13.80 -6.23 12.85
N LEU A 237 -14.58 -5.43 13.56
CA LEU A 237 -14.40 -5.26 15.00
C LEU A 237 -14.80 -6.53 15.74
N GLN A 238 -15.83 -7.22 15.23
CA GLN A 238 -16.23 -8.53 15.74
C GLN A 238 -15.09 -9.52 15.56
N LEU A 239 -14.40 -9.45 14.43
CA LEU A 239 -13.23 -10.33 14.20
C LEU A 239 -12.12 -10.06 15.22
N VAL A 240 -11.83 -8.79 15.46
CA VAL A 240 -10.91 -8.39 16.53
C VAL A 240 -11.24 -9.12 17.82
N GLN A 241 -12.50 -9.01 18.27
CA GLN A 241 -12.99 -9.69 19.49
C GLN A 241 -13.01 -11.22 19.38
N GLN A 242 -13.55 -11.74 18.29
CA GLN A 242 -13.72 -13.17 18.11
C GLN A 242 -12.40 -13.90 17.96
N GLU A 243 -11.50 -13.36 17.15
CA GLU A 243 -10.25 -14.03 16.78
C GLU A 243 -9.10 -13.71 17.70
N GLN A 244 -9.29 -12.74 18.59
CA GLN A 244 -8.22 -12.27 19.48
C GLN A 244 -7.10 -11.62 18.66
N VAL A 245 -7.47 -10.65 17.83
CA VAL A 245 -6.55 -9.98 16.94
C VAL A 245 -5.59 -9.16 17.78
N THR A 246 -4.30 -9.38 17.52
CA THR A 246 -3.26 -8.65 18.22
C THR A 246 -2.79 -7.43 17.48
N SER A 247 -2.83 -7.48 16.16
CA SER A 247 -2.46 -6.32 15.38
C SER A 247 -3.27 -6.14 14.12
N LEU A 248 -3.47 -4.89 13.73
CA LEU A 248 -3.99 -4.58 12.43
C LEU A 248 -3.27 -3.39 11.78
N PHE A 249 -3.05 -3.53 10.48
CA PHE A 249 -2.44 -2.54 9.62
C PHE A 249 -3.54 -2.19 8.64
N ALA A 250 -3.88 -0.91 8.56
CA ALA A 250 -5.03 -0.52 7.78
C ALA A 250 -4.91 0.89 7.20
N THR A 251 -5.69 1.16 6.16
CA THR A 251 -5.61 2.45 5.51
C THR A 251 -6.32 3.46 6.41
N PRO A 252 -5.98 4.74 6.24
CA PRO A 252 -6.70 5.81 6.93
C PRO A 252 -8.22 5.72 6.77
N THR A 253 -8.68 5.29 5.60
CA THR A 253 -10.12 5.14 5.30
C THR A 253 -10.77 4.03 6.15
N HIS A 254 -10.10 2.88 6.25
CA HIS A 254 -10.50 1.81 7.19
C HIS A 254 -10.58 2.31 8.64
N LEU A 255 -9.59 3.07 9.09
CA LEU A 255 -9.55 3.48 10.50
C LEU A 255 -10.61 4.50 10.92
N ASP A 256 -10.95 5.41 10.01
CA ASP A 256 -12.07 6.32 10.17
C ASP A 256 -13.33 5.51 10.37
N ALA A 257 -13.53 4.49 9.53
CA ALA A 257 -14.72 3.63 9.64
C ALA A 257 -14.69 2.87 10.97
N LEU A 258 -13.54 2.28 11.27
CA LEU A 258 -13.43 1.43 12.45
C LEU A 258 -13.61 2.23 13.74
N ALA A 259 -12.96 3.40 13.82
CA ALA A 259 -13.10 4.29 14.99
C ALA A 259 -14.53 4.75 15.28
N ALA A 260 -15.26 5.12 14.22
CA ALA A 260 -16.64 5.56 14.33
C ALA A 260 -17.53 4.39 14.76
N ALA A 261 -17.34 3.22 14.12
CA ALA A 261 -18.11 2.03 14.53
C ALA A 261 -17.81 1.66 15.99
N ALA A 262 -16.55 1.76 16.40
CA ALA A 262 -16.15 1.53 17.81
C ALA A 262 -16.72 2.57 18.78
N ALA A 263 -16.85 3.81 18.31
CA ALA A 263 -17.47 4.87 19.08
C ALA A 263 -18.98 4.63 19.24
N HIS A 264 -19.62 4.19 18.16
CA HIS A 264 -21.03 3.78 18.20
C HIS A 264 -21.18 2.27 18.57
N ALA A 265 -20.30 1.82 19.48
CA ALA A 265 -20.27 0.45 19.98
C ALA A 265 -19.91 0.47 21.45
N GLY A 266 -18.95 1.32 21.83
CA GLY A 266 -18.44 1.38 23.19
C GLY A 266 -17.97 0.02 23.67
N SER A 267 -18.27 -0.31 24.92
CA SER A 267 -17.94 -1.63 25.47
C SER A 267 -18.93 -2.76 25.05
N SER A 268 -19.59 -2.60 23.89
CA SER A 268 -20.32 -3.68 23.24
C SER A 268 -19.35 -4.72 22.68
N LEU A 269 -18.31 -4.22 22.02
CA LEU A 269 -17.24 -5.05 21.48
C LEU A 269 -16.04 -5.10 22.40
N LYS A 270 -15.53 -6.30 22.70
CA LYS A 270 -14.25 -6.43 23.43
C LYS A 270 -13.01 -6.34 22.50
N LEU A 271 -12.38 -5.16 22.47
CA LEU A 271 -11.25 -4.89 21.57
C LEU A 271 -9.84 -4.93 22.26
N ASP A 272 -9.80 -5.33 23.54
CA ASP A 272 -8.58 -5.23 24.38
C ASP A 272 -7.38 -6.02 23.84
N SER A 273 -7.66 -7.14 23.17
CA SER A 273 -6.62 -7.97 22.57
C SER A 273 -5.80 -7.23 21.48
N LEU A 274 -6.31 -6.11 20.99
CA LEU A 274 -5.64 -5.43 19.90
C LEU A 274 -4.59 -4.47 20.43
N ARG A 275 -3.33 -4.81 20.21
CA ARG A 275 -2.22 -4.06 20.81
C ARG A 275 -1.52 -3.14 19.84
N HIS A 276 -1.75 -3.36 18.55
CA HIS A 276 -1.04 -2.64 17.51
C HIS A 276 -2.04 -2.21 16.46
N VAL A 277 -2.15 -0.90 16.27
CA VAL A 277 -2.92 -0.32 15.17
C VAL A 277 -1.91 0.52 14.35
N THR A 278 -1.59 0.05 13.15
CA THR A 278 -0.56 0.66 12.29
C THR A 278 -1.24 1.23 11.04
N PHE A 279 -0.70 2.33 10.52
CA PHE A 279 -1.25 2.93 9.31
C PHE A 279 -0.23 3.82 8.60
N ALA A 280 -0.35 3.89 7.26
CA ALA A 280 0.34 4.91 6.52
C ALA A 280 -0.52 6.18 6.57
N GLY A 281 -0.21 7.07 7.51
CA GLY A 281 -1.04 8.21 7.76
C GLY A 281 -0.55 9.58 7.33
N ALA A 282 0.38 9.66 6.38
CA ALA A 282 0.85 10.98 5.90
C ALA A 282 -0.34 11.82 5.39
N THR A 283 -1.26 11.18 4.68
CA THR A 283 -2.43 11.85 4.12
C THR A 283 -3.64 11.80 5.08
N MET A 284 -3.46 11.29 6.31
CA MET A 284 -4.59 11.23 7.26
C MET A 284 -4.87 12.59 7.92
N PRO A 285 -6.12 13.11 7.80
CA PRO A 285 -6.45 14.40 8.40
C PRO A 285 -6.41 14.35 9.93
N ASP A 286 -6.13 15.48 10.56
CA ASP A 286 -6.02 15.56 12.02
C ASP A 286 -7.25 15.01 12.74
N ALA A 287 -8.42 15.22 12.15
CA ALA A 287 -9.68 14.77 12.74
C ALA A 287 -9.81 13.23 12.80
N VAL A 288 -9.44 12.52 11.74
CA VAL A 288 -9.44 11.04 11.79
C VAL A 288 -8.42 10.53 12.83
N LEU A 289 -7.22 11.11 12.81
CA LEU A 289 -6.21 10.72 13.79
C LEU A 289 -6.77 10.92 15.21
N GLU A 290 -7.29 12.12 15.48
CA GLU A 290 -8.00 12.40 16.73
C GLU A 290 -8.95 11.25 17.16
N THR A 291 -9.85 10.83 16.27
CA THR A 291 -10.79 9.76 16.64
C THR A 291 -10.11 8.42 16.83
N VAL A 292 -9.08 8.13 16.03
CA VAL A 292 -8.29 6.89 16.19
C VAL A 292 -7.79 6.73 17.64
N HIS A 293 -7.21 7.79 18.22
CA HIS A 293 -6.71 7.75 19.62
C HIS A 293 -7.84 7.67 20.64
N GLN A 294 -8.93 8.40 20.41
CA GLN A 294 -10.05 8.40 21.38
C GLN A 294 -10.74 7.05 21.45
N HIS A 295 -10.99 6.45 20.28
CA HIS A 295 -11.95 5.36 20.15
C HIS A 295 -11.41 3.96 19.84
N LEU A 296 -10.14 3.85 19.46
CA LEU A 296 -9.53 2.54 19.17
C LEU A 296 -8.41 2.21 20.16
N PRO A 297 -8.22 0.91 20.51
CA PRO A 297 -7.21 0.60 21.52
C PRO A 297 -5.86 0.33 20.85
N GLY A 298 -4.90 -0.19 21.64
CA GLY A 298 -3.57 -0.57 21.13
C GLY A 298 -2.68 0.61 20.86
N GLU A 299 -1.38 0.38 20.86
CA GLU A 299 -0.48 1.42 20.44
C GLU A 299 -0.68 1.75 18.96
N LYS A 300 -0.77 3.05 18.69
CA LYS A 300 -0.92 3.53 17.33
C LYS A 300 0.44 3.83 16.78
N VAL A 301 0.69 3.34 15.58
CA VAL A 301 1.96 3.66 14.92
C VAL A 301 1.70 4.15 13.51
N ASN A 302 2.18 5.35 13.25
CA ASN A 302 2.15 5.93 11.94
C ASN A 302 3.41 5.50 11.20
N ALA A 303 3.26 5.11 9.95
CA ALA A 303 4.39 4.56 9.19
C ALA A 303 4.41 5.17 7.78
N TYR A 304 5.57 5.61 7.32
CA TYR A 304 5.74 6.07 5.96
C TYR A 304 6.54 5.06 5.17
N GLY A 305 6.07 4.74 3.98
CA GLY A 305 6.86 3.88 3.12
C GLY A 305 6.49 3.88 1.66
N THR A 306 7.26 3.13 0.89
CA THR A 306 7.06 3.07 -0.56
C THR A 306 7.06 1.63 -1.00
N THR A 307 6.34 1.36 -2.07
CA THR A 307 6.52 0.13 -2.81
C THR A 307 8.00 -0.17 -3.06
N GLU A 308 8.73 0.87 -3.46
CA GLU A 308 10.09 0.69 -3.94
C GLU A 308 11.09 0.35 -2.84
N ALA A 309 10.93 0.93 -1.65
CA ALA A 309 11.90 0.72 -0.56
C ALA A 309 11.30 0.29 0.77
N MET A 310 10.00 0.00 0.78
CA MET A 310 9.25 -0.34 2.02
C MET A 310 9.34 0.76 3.09
N ASN A 311 9.56 0.42 4.35
CA ASN A 311 9.43 1.42 5.44
C ASN A 311 10.62 2.35 5.55
N SER A 312 10.37 3.66 5.57
CA SER A 312 11.44 4.65 5.72
C SER A 312 11.29 5.58 6.90
N LEU A 313 10.10 5.67 7.47
CA LEU A 313 9.87 6.57 8.62
C LEU A 313 8.70 6.05 9.40
N TYR A 314 8.60 6.45 10.65
CA TYR A 314 7.49 6.03 11.49
C TYR A 314 7.42 6.94 12.71
N MET A 315 6.37 6.78 13.51
CA MET A 315 6.14 7.52 14.74
C MET A 315 5.20 6.71 15.65
N ARG A 316 5.66 6.39 16.86
CA ARG A 316 4.80 5.81 17.89
C ARG A 316 3.87 6.87 18.47
N GLN A 317 2.62 6.50 18.70
CA GLN A 317 1.65 7.38 19.37
C GLN A 317 1.66 8.81 18.78
N PRO A 318 1.43 8.92 17.45
CA PRO A 318 1.54 10.18 16.68
C PRO A 318 0.51 11.29 16.99
N LYS A 319 0.95 12.56 16.88
CA LYS A 319 0.17 13.79 17.12
C LYS A 319 -0.40 14.40 15.83
N THR A 320 0.46 14.74 14.88
CA THR A 320 0.05 15.02 13.49
C THR A 320 0.39 13.76 12.71
N GLY A 321 -0.24 13.55 11.57
CA GLY A 321 0.02 12.39 10.75
C GLY A 321 1.16 12.59 9.77
N THR A 322 1.69 13.80 9.73
CA THR A 322 2.69 14.13 8.72
C THR A 322 4.15 14.05 9.20
N GLU A 323 4.34 13.93 10.51
CA GLU A 323 5.67 14.04 11.13
C GLU A 323 6.20 12.69 11.64
N MET A 324 7.29 12.24 11.02
CA MET A 324 7.83 10.94 11.33
C MET A 324 9.36 10.95 11.27
N ALA A 325 9.98 9.90 11.79
CA ALA A 325 11.44 9.77 11.88
C ALA A 325 11.87 8.38 11.39
N PRO A 326 13.11 8.28 10.85
CA PRO A 326 13.59 7.00 10.27
C PRO A 326 13.74 5.94 11.34
N GLY A 327 13.33 4.69 11.06
CA GLY A 327 13.65 3.59 11.98
C GLY A 327 14.75 2.64 11.50
N PHE A 328 14.77 1.44 12.04
CA PHE A 328 15.80 0.45 11.71
C PHE A 328 15.76 0.13 10.24
N PHE A 329 16.94 -0.15 9.67
CA PHE A 329 17.18 -0.37 8.21
C PHE A 329 17.26 0.93 7.42
N SER A 330 16.71 2.02 7.95
CA SER A 330 16.50 3.26 7.16
C SER A 330 17.60 4.29 7.31
N GLU A 331 17.90 4.93 6.20
CA GLU A 331 18.75 6.12 6.14
C GLU A 331 18.11 7.11 5.18
N VAL A 332 18.01 8.37 5.59
CA VAL A 332 17.23 9.36 4.85
C VAL A 332 17.90 10.74 4.77
N ARG A 333 17.58 11.44 3.68
CA ARG A 333 18.04 12.81 3.48
C ARG A 333 16.94 13.57 2.82
N ILE A 334 17.02 14.89 2.95
CA ILE A 334 16.17 15.82 2.26
C ILE A 334 17.09 16.70 1.43
N VAL A 335 16.86 16.68 0.12
CA VAL A 335 17.77 17.34 -0.81
C VAL A 335 17.04 18.30 -1.71
N ARG A 336 17.79 19.20 -2.36
CA ARG A 336 17.19 20.19 -3.25
C ARG A 336 16.36 19.49 -4.33
N ILE A 337 15.15 20.01 -4.57
CA ILE A 337 14.28 19.46 -5.61
C ILE A 337 15.00 19.49 -6.97
N GLY A 338 15.08 18.31 -7.59
CA GLY A 338 15.75 18.14 -8.87
C GLY A 338 17.26 18.34 -8.85
N GLY A 339 17.91 18.04 -7.72
CA GLY A 339 19.37 18.13 -7.61
C GLY A 339 20.00 16.78 -7.25
N GLY A 340 21.32 16.74 -7.13
CA GLY A 340 22.04 15.50 -6.82
C GLY A 340 21.80 14.98 -5.42
N VAL A 341 22.04 13.70 -5.21
CA VAL A 341 21.72 13.07 -3.92
C VAL A 341 22.50 13.66 -2.73
N ASP A 342 23.59 14.38 -3.02
CA ASP A 342 24.42 15.03 -2.00
C ASP A 342 24.04 16.48 -1.65
N GLU A 343 23.14 17.08 -2.42
CA GLU A 343 22.65 18.44 -2.17
C GLU A 343 21.66 18.56 -0.99
N ILE A 344 22.11 18.24 0.22
CA ILE A 344 21.27 18.36 1.43
C ILE A 344 20.80 19.80 1.67
N VAL A 345 19.51 19.99 1.92
CA VAL A 345 18.96 21.33 2.22
C VAL A 345 19.32 21.82 3.62
N ALA A 346 19.25 23.13 3.87
CA ALA A 346 19.38 23.66 5.23
C ALA A 346 18.14 23.24 6.01
N ASN A 347 18.33 22.74 7.23
CA ASN A 347 17.19 22.37 8.10
C ASN A 347 16.21 23.56 8.15
N GLY A 348 15.00 23.32 7.67
CA GLY A 348 14.03 24.41 7.45
C GLY A 348 13.66 24.65 6.00
N GLU A 349 14.58 24.41 5.07
CA GLU A 349 14.26 24.47 3.65
C GLU A 349 13.60 23.16 3.20
N GLU A 350 12.66 23.26 2.27
CA GLU A 350 11.95 22.12 1.76
C GLU A 350 12.76 21.44 0.66
N GLY A 351 12.55 20.14 0.49
CA GLY A 351 13.25 19.39 -0.54
C GLY A 351 12.65 18.00 -0.75
N GLU A 352 13.29 17.20 -1.60
CA GLU A 352 12.83 15.84 -1.86
C GLU A 352 13.37 14.84 -0.86
N LEU A 353 12.47 14.00 -0.34
CA LEU A 353 12.88 12.90 0.52
C LEU A 353 13.47 11.79 -0.33
N ILE A 354 14.73 11.48 -0.04
CA ILE A 354 15.39 10.34 -0.63
C ILE A 354 15.79 9.42 0.50
N VAL A 355 15.74 8.12 0.25
CA VAL A 355 16.09 7.13 1.27
C VAL A 355 17.16 6.23 0.66
N ALA A 356 18.04 5.66 1.47
CA ALA A 356 19.10 4.83 0.89
C ALA A 356 18.47 3.57 0.32
N ALA A 357 19.03 3.10 -0.81
CA ALA A 357 18.57 1.89 -1.48
C ALA A 357 19.46 0.71 -1.08
N SER A 358 19.07 0.05 -0.02
CA SER A 358 19.83 -1.07 0.52
C SER A 358 19.01 -2.34 0.38
N ASP A 359 19.09 -3.23 1.37
CA ASP A 359 18.53 -4.58 1.25
C ASP A 359 17.06 -4.59 0.85
N SER A 360 16.27 -3.66 1.38
CA SER A 360 14.82 -3.70 1.17
C SER A 360 14.36 -3.17 -0.20
N ALA A 361 15.29 -2.54 -0.92
CA ALA A 361 15.02 -1.80 -2.16
C ALA A 361 14.65 -2.66 -3.36
N PHE A 362 13.76 -2.12 -4.21
CA PHE A 362 13.51 -2.71 -5.52
C PHE A 362 14.79 -2.60 -6.36
N VAL A 363 14.91 -3.41 -7.41
CA VAL A 363 16.11 -3.36 -8.22
C VAL A 363 15.88 -2.73 -9.59
N GLY A 364 14.69 -2.14 -9.79
CA GLY A 364 14.33 -1.53 -11.05
C GLY A 364 12.89 -1.79 -11.44
N TYR A 365 12.41 -0.97 -12.37
CA TYR A 365 11.08 -1.12 -12.97
C TYR A 365 11.19 -2.04 -14.18
N LEU A 366 10.36 -3.08 -14.21
CA LEU A 366 10.43 -4.05 -15.31
C LEU A 366 10.25 -3.35 -16.66
N ASN A 367 11.28 -3.48 -17.52
CA ASN A 367 11.28 -2.94 -18.89
C ASN A 367 11.08 -1.43 -18.99
N GLN A 368 11.39 -0.70 -17.92
CA GLN A 368 11.33 0.77 -17.95
C GLN A 368 12.59 1.40 -17.36
N PRO A 369 13.73 1.26 -18.06
CA PRO A 369 15.05 1.65 -17.52
C PRO A 369 15.26 3.15 -17.37
N GLN A 370 14.48 3.96 -18.07
CA GLN A 370 14.53 5.42 -17.88
C GLN A 370 13.89 5.83 -16.54
N ALA A 371 12.69 5.33 -16.24
CA ALA A 371 12.06 5.58 -14.95
C ALA A 371 12.95 5.09 -13.80
N THR A 372 13.63 3.97 -14.01
CA THR A 372 14.55 3.41 -13.03
C THR A 372 15.68 4.40 -12.74
N ALA A 373 16.25 4.95 -13.81
CA ALA A 373 17.36 5.90 -13.73
C ALA A 373 16.94 7.21 -13.08
N GLU A 374 15.65 7.48 -13.08
CA GLU A 374 15.12 8.66 -12.42
C GLU A 374 15.00 8.41 -10.93
N LYS A 375 14.64 7.17 -10.57
CA LYS A 375 14.35 6.78 -9.19
C LYS A 375 15.55 6.29 -8.35
N LEU A 376 16.46 5.52 -8.97
CA LEU A 376 17.60 4.92 -8.26
C LEU A 376 18.88 5.62 -8.69
N GLN A 377 19.32 6.59 -7.89
CA GLN A 377 20.54 7.34 -8.19
C GLN A 377 21.55 7.23 -7.07
N ASP A 378 22.75 6.79 -7.45
CA ASP A 378 23.93 6.81 -6.60
C ASP A 378 23.66 6.15 -5.24
N GLY A 379 22.94 5.04 -5.27
CA GLY A 379 22.62 4.32 -4.06
C GLY A 379 21.39 4.82 -3.29
N TRP A 380 20.69 5.83 -3.81
CA TRP A 380 19.51 6.34 -3.12
C TRP A 380 18.26 5.98 -3.89
N TYR A 381 17.14 5.86 -3.19
CA TYR A 381 15.84 5.87 -3.83
C TYR A 381 15.17 7.24 -3.64
N ARG A 382 14.72 7.85 -4.72
CA ARG A 382 14.05 9.16 -4.67
C ARG A 382 12.53 8.96 -4.58
N THR A 383 11.94 9.40 -3.48
CA THR A 383 10.51 9.19 -3.23
C THR A 383 9.57 9.99 -4.16
N SER A 384 10.05 11.14 -4.64
CA SER A 384 9.21 12.16 -5.30
C SER A 384 8.25 12.81 -4.29
N ASP A 385 8.58 12.72 -3.01
CA ASP A 385 7.79 13.36 -1.97
C ASP A 385 8.54 14.59 -1.46
N VAL A 386 7.83 15.69 -1.21
CA VAL A 386 8.45 16.87 -0.59
C VAL A 386 8.38 16.77 0.93
N ALA A 387 9.49 17.14 1.57
CA ALA A 387 9.58 17.12 3.03
C ALA A 387 10.43 18.25 3.62
N VAL A 388 10.30 18.43 4.93
CA VAL A 388 11.08 19.44 5.66
C VAL A 388 11.48 18.89 7.05
N TRP A 389 12.73 19.08 7.45
CA TRP A 389 13.14 18.75 8.82
C TRP A 389 12.50 19.76 9.78
N THR A 390 11.79 19.24 10.78
CA THR A 390 11.23 20.07 11.82
C THR A 390 12.36 20.41 12.76
N PRO A 391 12.29 21.57 13.44
CA PRO A 391 13.32 21.89 14.44
C PRO A 391 13.53 20.76 15.48
N GLU A 392 12.53 19.91 15.67
CA GLU A 392 12.61 18.80 16.64
C GLU A 392 13.23 17.49 16.09
N GLY A 393 13.84 17.55 14.91
CA GLY A 393 14.53 16.40 14.34
C GLY A 393 13.64 15.32 13.72
N THR A 394 12.41 15.69 13.36
CA THR A 394 11.48 14.77 12.69
C THR A 394 11.25 15.22 11.25
N VAL A 395 10.80 14.31 10.39
CA VAL A 395 10.56 14.62 8.99
C VAL A 395 9.07 14.90 8.81
N ARG A 396 8.77 16.08 8.27
CA ARG A 396 7.40 16.47 7.94
C ARG A 396 7.19 16.28 6.43
N ILE A 397 6.34 15.32 6.07
CA ILE A 397 5.97 15.05 4.68
C ILE A 397 4.98 16.10 4.18
N LEU A 398 5.33 16.82 3.11
CA LEU A 398 4.44 17.92 2.66
C LEU A 398 3.44 17.54 1.57
N GLY A 399 3.86 16.66 0.66
CA GLY A 399 3.05 16.25 -0.46
C GLY A 399 3.93 15.73 -1.57
N ARG A 400 3.32 15.31 -2.67
CA ARG A 400 4.06 14.84 -3.83
C ARG A 400 4.67 16.01 -4.57
N VAL A 401 5.90 15.84 -5.06
CA VAL A 401 6.60 16.85 -5.83
C VAL A 401 5.77 17.20 -7.06
N ASP A 402 5.07 16.20 -7.57
CA ASP A 402 4.31 16.37 -8.77
C ASP A 402 3.05 17.20 -8.54
N ASP A 403 2.45 17.10 -7.35
CA ASP A 403 1.31 17.94 -7.00
C ASP A 403 1.67 19.35 -6.57
N MET A 404 2.95 19.59 -6.31
CA MET A 404 3.39 20.88 -5.77
C MET A 404 2.97 22.02 -6.68
N ILE A 405 2.42 23.08 -6.10
CA ILE A 405 2.11 24.28 -6.86
C ILE A 405 3.18 25.29 -6.52
N ILE A 406 3.70 25.99 -7.54
CA ILE A 406 4.65 27.06 -7.33
C ILE A 406 4.05 28.35 -7.89
N SER A 407 3.50 29.15 -6.98
CA SER A 407 2.81 30.38 -7.33
C SER A 407 3.60 31.54 -6.78
N GLY A 408 3.85 32.52 -7.63
CA GLY A 408 4.70 33.67 -7.28
C GLY A 408 6.01 33.21 -6.66
N GLY A 409 6.64 32.22 -7.28
CA GLY A 409 7.89 31.63 -6.77
C GLY A 409 7.82 30.95 -5.39
N GLU A 410 6.62 30.54 -4.96
CA GLU A 410 6.42 30.00 -3.62
C GLU A 410 5.92 28.56 -3.67
N ASN A 411 6.51 27.70 -2.84
CA ASN A 411 6.05 26.33 -2.69
C ASN A 411 4.70 26.25 -2.00
N ILE A 412 3.69 25.77 -2.72
CA ILE A 412 2.38 25.54 -2.11
C ILE A 412 1.93 24.10 -2.31
N HIS A 413 1.57 23.44 -1.22
CA HIS A 413 1.21 22.03 -1.28
C HIS A 413 -0.28 21.85 -1.18
N PRO A 414 -0.88 21.34 -2.25
CA PRO A 414 -2.32 21.21 -2.35
C PRO A 414 -2.96 20.44 -1.17
N SER A 415 -2.33 19.36 -0.74
CA SER A 415 -2.81 18.59 0.43
C SER A 415 -3.09 19.46 1.70
N GLU A 416 -2.25 20.46 1.98
CA GLU A 416 -2.48 21.41 3.08
C GLU A 416 -3.82 22.16 2.91
N ILE A 417 -4.06 22.67 1.71
CA ILE A 417 -5.26 23.43 1.39
C ILE A 417 -6.50 22.54 1.40
N GLU A 418 -6.35 21.32 0.87
CA GLU A 418 -7.40 20.33 0.85
C GLU A 418 -7.91 19.94 2.25
N ARG A 419 -7.00 19.84 3.20
CA ARG A 419 -7.38 19.45 4.57
C ARG A 419 -8.10 20.60 5.28
N VAL A 420 -7.70 21.85 5.01
CA VAL A 420 -8.51 23.00 5.43
C VAL A 420 -9.91 23.01 4.75
N LEU A 421 -9.95 23.08 3.42
CA LEU A 421 -11.22 23.11 2.69
C LEU A 421 -12.16 21.93 2.98
N GLY A 422 -11.56 20.74 3.18
CA GLY A 422 -12.33 19.57 3.55
C GLY A 422 -13.13 19.72 4.84
N THR A 423 -12.74 20.65 5.71
CA THR A 423 -13.54 20.89 6.92
C THR A 423 -14.63 21.95 6.74
N ALA A 424 -14.73 22.54 5.55
CA ALA A 424 -15.69 23.62 5.34
C ALA A 424 -17.08 23.01 5.23
N PRO A 425 -18.06 23.56 5.98
CA PRO A 425 -19.35 22.86 5.95
C PRO A 425 -19.91 22.89 4.51
N GLY A 426 -20.58 21.80 4.13
CA GLY A 426 -21.05 21.64 2.79
C GLY A 426 -20.12 21.00 1.79
N VAL A 427 -18.86 20.73 2.17
CA VAL A 427 -17.89 20.21 1.23
C VAL A 427 -17.77 18.67 1.36
N THR A 428 -18.01 17.93 0.29
CA THR A 428 -17.77 16.47 0.38
C THR A 428 -16.39 16.05 -0.13
N GLU A 429 -15.88 16.70 -1.17
CA GLU A 429 -14.56 16.41 -1.74
C GLU A 429 -13.93 17.68 -2.26
N VAL A 430 -12.61 17.77 -2.18
CA VAL A 430 -11.90 18.93 -2.72
C VAL A 430 -10.53 18.52 -3.19
N VAL A 431 -10.14 18.95 -4.38
CA VAL A 431 -8.78 18.82 -4.88
C VAL A 431 -8.26 20.19 -5.31
N VAL A 432 -7.07 20.53 -4.83
CA VAL A 432 -6.43 21.81 -5.16
C VAL A 432 -5.33 21.59 -6.17
N ILE A 433 -5.31 22.43 -7.20
CA ILE A 433 -4.40 22.27 -8.34
C ILE A 433 -3.87 23.66 -8.70
N GLY A 434 -2.79 23.70 -9.46
CA GLY A 434 -2.27 24.95 -9.96
C GLY A 434 -2.62 25.02 -11.43
N LEU A 435 -3.19 26.14 -11.85
CA LEU A 435 -3.48 26.34 -13.27
C LEU A 435 -2.35 27.12 -13.88
N ALA A 436 -1.97 26.79 -15.12
CA ALA A 436 -0.88 27.51 -15.82
C ALA A 436 -1.35 28.94 -15.96
N ASP A 437 -0.67 29.87 -15.27
CA ASP A 437 -1.22 31.20 -15.12
C ASP A 437 -0.37 32.28 -14.46
N GLN A 438 -1.08 33.16 -13.75
CA GLN A 438 -0.53 34.43 -13.30
C GLN A 438 -0.93 34.85 -11.93
N ARG A 439 -0.06 35.65 -11.45
CA ARG A 439 0.22 36.13 -10.11
C ARG A 439 1.64 35.73 -10.49
N TRP A 440 1.81 34.42 -10.70
CA TRP A 440 2.62 33.88 -11.80
C TRP A 440 3.14 32.46 -11.68
N GLY A 441 3.27 31.84 -12.86
CA GLY A 441 3.62 30.46 -12.98
C GLY A 441 2.36 29.66 -12.82
N GLN A 442 1.84 29.63 -11.60
CA GLN A 442 0.67 28.83 -11.33
C GLN A 442 -0.28 29.55 -10.40
N SER A 443 -1.57 29.31 -10.62
CA SER A 443 -2.60 29.91 -9.81
C SER A 443 -3.36 28.86 -8.99
N VAL A 444 -3.33 29.03 -7.67
CA VAL A 444 -3.97 28.07 -6.77
C VAL A 444 -5.47 28.04 -6.98
N THR A 445 -5.97 26.85 -7.32
CA THR A 445 -7.35 26.69 -7.70
C THR A 445 -7.92 25.52 -6.96
N ALA A 446 -9.12 25.71 -6.40
CA ALA A 446 -9.80 24.64 -5.65
C ALA A 446 -11.01 24.13 -6.42
N CYS A 447 -11.12 22.79 -6.51
CA CYS A 447 -12.24 22.13 -7.16
C CYS A 447 -13.00 21.38 -6.08
N VAL A 448 -14.26 21.77 -5.87
CA VAL A 448 -14.98 21.29 -4.69
C VAL A 448 -16.27 20.67 -5.11
N VAL A 449 -16.56 19.51 -4.52
CA VAL A 449 -17.82 18.84 -4.70
C VAL A 449 -18.66 19.08 -3.46
N PRO A 450 -19.89 19.62 -3.65
CA PRO A 450 -20.80 19.80 -2.50
C PRO A 450 -21.45 18.52 -1.97
N ARG A 451 -21.91 18.55 -0.73
CA ARG A 451 -22.64 17.44 -0.17
C ARG A 451 -24.00 17.33 -0.88
N LEU A 452 -24.54 16.13 -0.85
CA LEU A 452 -25.75 15.83 -1.54
C LEU A 452 -26.85 16.81 -1.15
N GLY A 453 -27.29 17.56 -2.16
CA GLY A 453 -28.39 18.50 -2.00
C GLY A 453 -27.91 19.92 -1.73
N GLU A 454 -26.66 20.08 -1.31
CA GLU A 454 -26.17 21.39 -0.89
C GLU A 454 -25.54 22.24 -2.01
N THR A 455 -25.61 23.56 -1.86
CA THR A 455 -24.95 24.52 -2.75
C THR A 455 -23.66 24.99 -2.09
N LEU A 456 -22.65 25.30 -2.90
CA LEU A 456 -21.46 26.01 -2.42
C LEU A 456 -21.30 27.31 -3.20
N SER A 457 -20.58 28.27 -2.65
CA SER A 457 -20.23 29.45 -3.40
C SER A 457 -18.77 29.77 -3.17
N ALA A 458 -18.16 30.34 -4.20
CA ALA A 458 -16.76 30.76 -4.16
C ALA A 458 -16.53 31.76 -3.01
N ASP A 459 -17.44 32.72 -2.88
CA ASP A 459 -17.42 33.71 -1.80
C ASP A 459 -17.40 33.08 -0.41
N ALA A 460 -18.31 32.14 -0.16
CA ALA A 460 -18.43 31.53 1.17
C ALA A 460 -17.18 30.70 1.46
N LEU A 461 -16.69 29.97 0.45
CA LEU A 461 -15.45 29.20 0.64
C LEU A 461 -14.25 30.10 0.92
N ASP A 462 -14.18 31.21 0.19
CA ASP A 462 -13.09 32.17 0.37
C ASP A 462 -13.19 32.73 1.78
N THR A 463 -14.39 33.14 2.19
CA THR A 463 -14.56 33.63 3.57
C THR A 463 -14.03 32.58 4.58
N PHE A 464 -14.39 31.31 4.35
CA PHE A 464 -13.98 30.24 5.24
C PHE A 464 -12.45 30.12 5.28
N CYS A 465 -11.81 30.14 4.12
CA CYS A 465 -10.33 30.09 4.05
C CYS A 465 -9.67 31.26 4.74
N ARG A 466 -10.26 32.43 4.57
CA ARG A 466 -9.74 33.66 5.16
C ARG A 466 -9.74 33.60 6.70
N SER A 467 -10.73 32.88 7.23
CA SER A 467 -10.91 32.74 8.67
C SER A 467 -10.16 31.50 9.24
N SER A 468 -9.30 30.89 8.41
CA SER A 468 -8.57 29.69 8.78
C SER A 468 -7.09 29.99 8.97
N GLU A 469 -6.35 28.98 9.40
CA GLU A 469 -4.93 29.16 9.69
C GLU A 469 -4.05 29.43 8.47
N LEU A 470 -4.59 29.26 7.26
CA LEU A 470 -3.78 29.38 6.06
C LEU A 470 -3.16 30.78 5.89
N ALA A 471 -1.91 30.82 5.43
CA ALA A 471 -1.25 32.08 5.09
C ALA A 471 -1.71 32.65 3.73
N ASP A 472 -1.66 33.97 3.60
CA ASP A 472 -1.98 34.72 2.37
C ASP A 472 -2.01 33.90 1.10
N PHE A 473 -0.80 33.63 0.61
CA PHE A 473 -0.53 33.16 -0.75
C PHE A 473 -1.14 31.80 -1.05
N LYS A 474 -1.37 31.00 0.01
CA LYS A 474 -1.93 29.66 -0.10
C LYS A 474 -3.43 29.62 -0.34
N ARG A 475 -4.15 30.71 -0.06
CA ARG A 475 -5.59 30.76 -0.29
C ARG A 475 -5.91 30.62 -1.78
N PRO A 476 -6.84 29.73 -2.13
CA PRO A 476 -7.20 29.61 -3.55
C PRO A 476 -7.61 30.94 -4.15
N LYS A 477 -7.18 31.17 -5.39
CA LYS A 477 -7.58 32.38 -6.13
C LYS A 477 -8.85 32.15 -6.89
N ARG A 478 -9.27 30.90 -6.98
CA ARG A 478 -10.42 30.56 -7.79
C ARG A 478 -11.05 29.24 -7.34
N TYR A 479 -12.35 29.11 -7.52
CA TYR A 479 -13.06 27.92 -7.15
C TYR A 479 -13.86 27.39 -8.30
N PHE A 480 -13.83 26.07 -8.48
CA PHE A 480 -14.75 25.42 -9.38
C PHE A 480 -15.59 24.46 -8.56
N ILE A 481 -16.91 24.61 -8.60
CA ILE A 481 -17.83 23.68 -7.94
C ILE A 481 -18.23 22.65 -8.98
N LEU A 482 -17.98 21.37 -8.66
CA LEU A 482 -18.18 20.28 -9.60
C LEU A 482 -19.09 19.23 -8.99
N ASP A 483 -19.77 18.44 -9.82
CA ASP A 483 -20.60 17.37 -9.27
C ASP A 483 -19.78 16.13 -8.99
N GLN A 484 -18.53 16.11 -9.46
CA GLN A 484 -17.62 14.99 -9.18
C GLN A 484 -16.19 15.28 -9.66
N LEU A 485 -15.24 14.49 -9.19
CA LEU A 485 -13.87 14.58 -9.66
C LEU A 485 -13.44 13.29 -10.41
N PRO A 486 -12.87 13.44 -11.62
CA PRO A 486 -12.34 12.29 -12.40
C PRO A 486 -11.31 11.50 -11.63
N LYS A 487 -11.61 10.23 -11.36
CA LYS A 487 -10.81 9.36 -10.46
C LYS A 487 -10.41 7.98 -11.02
N ASN A 488 -9.50 7.90 -12.00
CA ASN A 488 -9.06 6.59 -12.61
C ASN A 488 -9.85 5.29 -12.29
N ALA A 489 -9.20 4.14 -12.51
CA ALA A 489 -9.75 2.82 -12.16
C ALA A 489 -9.87 2.57 -10.64
N LEU A 490 -8.88 3.02 -9.84
CA LEU A 490 -8.98 3.08 -8.36
C LEU A 490 -9.50 4.46 -7.94
N ASN A 491 -9.74 4.68 -6.64
CA ASN A 491 -10.32 5.96 -6.17
C ASN A 491 -9.31 7.05 -5.76
N LYS A 492 -8.40 7.38 -6.68
CA LYS A 492 -7.47 8.50 -6.52
C LYS A 492 -7.66 9.47 -7.68
N VAL A 493 -7.57 10.77 -7.38
CA VAL A 493 -7.84 11.82 -8.37
C VAL A 493 -6.75 11.94 -9.46
N LEU A 494 -7.21 12.04 -10.71
CA LEU A 494 -6.38 12.33 -11.86
C LEU A 494 -6.19 13.84 -12.06
N ARG A 495 -5.29 14.42 -11.25
CA ARG A 495 -4.99 15.86 -11.25
C ARG A 495 -4.75 16.40 -12.64
N ARG A 496 -3.73 15.90 -13.34
CA ARG A 496 -3.49 16.27 -14.72
C ARG A 496 -4.79 16.32 -15.54
N GLN A 497 -5.58 15.24 -15.49
CA GLN A 497 -6.82 15.17 -16.26
C GLN A 497 -7.82 16.26 -15.82
N LEU A 498 -7.94 16.48 -14.50
CA LEU A 498 -8.81 17.52 -13.93
C LEU A 498 -8.40 18.94 -14.36
N VAL A 499 -7.11 19.25 -14.23
CA VAL A 499 -6.52 20.49 -14.76
C VAL A 499 -6.93 20.69 -16.22
N GLN A 500 -6.85 19.60 -17.00
CA GLN A 500 -7.22 19.62 -18.40
C GLN A 500 -8.73 19.83 -18.58
N GLN A 501 -9.52 19.31 -17.64
CA GLN A 501 -10.96 19.53 -17.70
C GLN A 501 -11.34 21.00 -17.44
N VAL A 502 -10.77 21.61 -16.41
CA VAL A 502 -11.15 22.99 -16.04
C VAL A 502 -10.53 24.10 -16.88
N SER A 503 -9.59 23.73 -17.76
CA SER A 503 -8.92 24.70 -18.64
C SER A 503 -8.96 24.28 -20.12
CL3 3BZ B . 5.34 1.33 5.96
C3 3BZ B . 5.02 1.21 4.21
C4 3BZ B . 5.73 0.31 3.44
C5 3BZ B . 5.47 0.19 2.08
C6 3BZ B . 4.49 0.99 1.49
C2 3BZ B . 4.02 2.02 3.64
C1 3BZ B . 3.78 1.91 2.27
C 3BZ B . 2.74 2.78 1.62
O2 3BZ B . 2.39 2.44 0.45
O1 3BZ B . 2.27 3.78 2.21
#